data_3IL0
#
_entry.id   3IL0
#
_cell.length_a   43.303
_cell.length_b   80.396
_cell.length_c   100.858
_cell.angle_alpha   90.00
_cell.angle_beta   90.00
_cell.angle_gamma   90.00
#
_symmetry.space_group_name_H-M   'P 21 21 21'
#
loop_
_entity.id
_entity.type
_entity.pdbx_description
1 polymer 'Aminopeptidase P; XAA-pro aminopeptidase'
2 non-polymer GLYCEROL
3 water water
#
_entity_poly.entity_id   1
_entity_poly.type   'polypeptide(L)'
_entity_poly.pdbx_seq_one_letter_code
;SNAMQRRLERFDAKLVQSGLDALLVTGQNNIYYLTDFWGTNATVFITKNRRLFLTDSRYTLIAKQSVHGFDIIESKDPLK
DIVKFVEVDKLETIGFDNQVSFAYYQALQAIFEGYTLSPQTNFMEELRMIK
;
_entity_poly.pdbx_strand_id   A,B
#
loop_
_chem_comp.id
_chem_comp.type
_chem_comp.name
_chem_comp.formula
GOL non-polymer GLYCEROL 'C3 H8 O3'
#
# COMPACT_ATOMS: atom_id res chain seq x y z
N ASN A 2 7.01 -4.72 19.15
CA ASN A 2 5.60 -5.01 18.77
C ASN A 2 4.62 -3.88 19.17
N ALA A 3 4.94 -3.11 20.24
CA ALA A 3 4.10 -2.00 20.75
C ALA A 3 4.07 -0.78 19.81
N MET A 4 5.26 -0.33 19.38
CA MET A 4 5.41 0.75 18.40
C MET A 4 4.81 0.29 17.07
N GLN A 5 4.74 -1.02 16.88
CA GLN A 5 4.38 -1.59 15.60
C GLN A 5 3.03 -1.13 15.07
N ARG A 6 2.24 -0.44 15.87
CA ARG A 6 0.89 -0.08 15.45
C ARG A 6 0.60 1.42 15.59
N ARG A 7 1.59 2.15 16.09
CA ARG A 7 1.77 3.55 15.65
C ARG A 7 2.18 3.54 14.19
N LEU A 8 3.12 2.64 13.84
CA LEU A 8 3.59 2.50 12.45
C LEU A 8 2.49 1.92 11.57
N GLU A 9 1.65 1.05 12.11
CA GLU A 9 0.51 0.57 11.34
C GLU A 9 -0.65 1.59 11.32
N ARG A 10 -0.82 2.42 12.36
CA ARG A 10 -1.76 3.53 12.23
C ARG A 10 -1.27 4.47 11.11
N PHE A 11 0.02 4.72 11.09
CA PHE A 11 0.64 5.68 10.20
C PHE A 11 0.26 5.28 8.75
N ASP A 12 0.52 4.02 8.44
CA ASP A 12 0.20 3.43 7.15
C ASP A 12 -1.28 3.64 6.79
N ALA A 13 -2.17 3.31 7.71
CA ALA A 13 -3.58 3.49 7.46
C ALA A 13 -3.92 4.97 7.15
N LYS A 14 -3.22 5.86 7.83
CA LYS A 14 -3.51 7.27 7.71
C LYS A 14 -3.04 7.75 6.34
N LEU A 15 -1.96 7.13 5.84
CA LEU A 15 -1.44 7.44 4.50
C LEU A 15 -2.53 7.14 3.48
N VAL A 16 -3.10 5.94 3.58
CA VAL A 16 -4.23 5.54 2.71
C VAL A 16 -5.39 6.56 2.84
N GLN A 17 -5.82 6.82 4.07
CA GLN A 17 -6.95 7.73 4.29
C GLN A 17 -6.65 9.14 3.74
N SER A 18 -5.41 9.57 3.83
CA SER A 18 -5.06 10.90 3.44
C SER A 18 -4.70 11.08 1.93
N GLY A 19 -4.59 10.00 1.18
CA GLY A 19 -4.20 10.11 -0.23
C GLY A 19 -2.73 10.42 -0.50
N LEU A 20 -1.85 10.13 0.46
CA LEU A 20 -0.43 10.41 0.35
C LEU A 20 0.35 9.14 -0.01
N ASP A 21 1.28 9.24 -0.94
CA ASP A 21 2.28 8.16 -1.14
C ASP A 21 3.38 8.15 -0.09
N ALA A 22 3.58 9.32 0.55
CA ALA A 22 4.65 9.50 1.51
C ALA A 22 4.40 10.72 2.44
N LEU A 23 5.08 10.72 3.57
CA LEU A 23 5.11 11.82 4.49
C LEU A 23 6.53 12.05 4.92
N LEU A 24 6.98 13.28 4.76
CA LEU A 24 8.21 13.69 5.30
C LEU A 24 7.91 14.12 6.76
N VAL A 25 8.68 13.59 7.71
CA VAL A 25 8.56 13.88 9.13
C VAL A 25 9.87 14.49 9.62
N THR A 26 9.79 15.76 10.00
CA THR A 26 10.86 16.55 10.60
C THR A 26 10.32 16.87 12.00
N GLY A 27 11.19 17.20 12.94
CA GLY A 27 10.76 17.46 14.32
C GLY A 27 11.18 16.29 15.17
N GLN A 28 12.04 16.54 16.18
CA GLN A 28 12.64 15.46 16.99
C GLN A 28 11.59 14.69 17.73
N ASN A 29 10.58 15.43 18.16
CA ASN A 29 9.43 14.89 18.88
C ASN A 29 8.71 13.80 18.09
N ASN A 30 8.37 14.19 16.86
CA ASN A 30 7.76 13.26 15.91
C ASN A 30 8.64 12.11 15.56
N ILE A 31 9.93 12.42 15.38
CA ILE A 31 10.89 11.37 15.07
C ILE A 31 10.99 10.48 16.29
N TYR A 32 11.05 11.08 17.48
CA TYR A 32 11.07 10.28 18.70
C TYR A 32 9.87 9.35 18.75
N TYR A 33 8.67 9.87 18.55
CA TYR A 33 7.49 9.02 18.60
C TYR A 33 7.61 7.75 17.77
N LEU A 34 7.92 7.88 16.48
CA LEU A 34 7.90 6.73 15.57
C LEU A 34 9.16 5.83 15.66
N THR A 35 10.24 6.30 16.27
CA THR A 35 11.53 5.60 16.20
C THR A 35 12.14 5.25 17.55
N ASP A 36 11.72 5.98 18.57
CA ASP A 36 12.34 5.94 19.87
C ASP A 36 13.75 6.55 19.90
N PHE A 37 14.20 7.11 18.80
CA PHE A 37 15.45 7.85 18.80
C PHE A 37 15.06 9.26 19.15
N TRP A 38 15.71 9.83 20.16
CA TRP A 38 15.58 11.25 20.46
C TRP A 38 16.87 11.96 20.01
N GLY A 39 16.73 13.05 19.26
CA GLY A 39 17.89 13.74 18.68
C GLY A 39 17.45 14.78 17.67
N THR A 40 18.36 15.64 17.24
CA THR A 40 18.01 16.81 16.43
C THR A 40 18.58 16.78 15.01
N ASN A 41 19.15 15.64 14.62
CA ASN A 41 19.57 15.49 13.24
C ASN A 41 19.24 14.13 12.60
N ALA A 42 17.94 13.84 12.61
CA ALA A 42 17.34 12.74 11.88
C ALA A 42 16.22 13.34 10.99
N THR A 43 15.97 12.72 9.82
CA THR A 43 14.77 12.98 8.99
C THR A 43 14.14 11.62 8.81
N VAL A 44 12.82 11.58 8.81
CA VAL A 44 12.08 10.35 8.53
C VAL A 44 11.25 10.55 7.28
N PHE A 45 11.14 9.48 6.50
CA PHE A 45 10.38 9.54 5.30
C PHE A 45 9.70 8.18 5.20
N ILE A 46 8.38 8.15 5.34
CA ILE A 46 7.56 6.92 5.36
C ILE A 46 6.62 6.90 4.14
N THR A 47 6.65 5.76 3.42
CA THR A 47 5.72 5.47 2.32
C THR A 47 4.80 4.23 2.69
N LYS A 48 3.89 3.86 1.79
CA LYS A 48 3.13 2.65 1.99
C LYS A 48 4.05 1.44 2.07
N ASN A 49 5.25 1.51 1.47
CA ASN A 49 6.16 0.42 1.52
C ASN A 49 7.46 0.58 2.23
N ARG A 50 7.97 1.78 2.51
CA ARG A 50 9.23 1.88 3.23
C ARG A 50 9.13 2.76 4.44
N ARG A 51 10.14 2.64 5.27
CA ARG A 51 10.34 3.56 6.34
C ARG A 51 11.80 3.90 6.29
N LEU A 52 12.12 5.18 6.08
CA LEU A 52 13.49 5.61 6.02
C LEU A 52 13.83 6.48 7.21
N PHE A 53 15.01 6.24 7.74
CA PHE A 53 15.54 7.10 8.80
C PHE A 53 16.85 7.64 8.28
N LEU A 54 16.99 8.96 8.23
CA LEU A 54 18.16 9.51 7.59
C LEU A 54 18.97 10.34 8.57
N THR A 55 20.25 10.00 8.71
CA THR A 55 21.16 10.77 9.54
C THR A 55 22.64 10.79 9.03
N ASP A 56 23.44 11.66 9.63
CA ASP A 56 24.90 11.77 9.36
C ASP A 56 25.75 10.61 9.92
N SER A 57 27.06 10.68 9.66
CA SER A 57 28.01 9.59 9.97
C SER A 57 28.20 9.44 11.47
N ARG A 58 27.92 10.54 12.16
CA ARG A 58 28.00 10.58 13.60
C ARG A 58 26.95 9.70 14.31
N TYR A 59 25.69 9.70 13.84
CA TYR A 59 24.62 9.02 14.59
C TYR A 59 24.17 7.72 13.97
N THR A 60 24.96 7.19 13.05
CA THR A 60 24.56 6.02 12.30
C THR A 60 24.55 4.77 13.17
N LEU A 61 25.60 4.59 13.98
CA LEU A 61 25.73 3.43 14.87
C LEU A 61 24.64 3.51 15.93
N ILE A 62 24.66 4.59 16.72
CA ILE A 62 23.55 4.92 17.64
C ILE A 62 22.22 4.44 17.03
N ALA A 63 21.84 5.11 15.92
CA ALA A 63 20.57 4.88 15.26
C ALA A 63 20.48 3.45 14.75
N LYS A 64 21.58 2.93 14.20
CA LYS A 64 21.56 1.58 13.65
C LYS A 64 21.23 0.57 14.73
N GLN A 65 21.59 0.89 15.97
CA GLN A 65 21.26 0.00 17.09
C GLN A 65 19.92 0.30 17.75
N SER A 66 19.68 1.57 18.09
CA SER A 66 18.41 1.92 18.76
C SER A 66 17.15 1.62 17.90
N VAL A 67 17.14 2.09 16.64
CA VAL A 67 15.90 2.21 15.82
C VAL A 67 15.44 0.94 15.08
N HIS A 68 14.24 0.47 15.36
CA HIS A 68 13.76 -0.77 14.73
C HIS A 68 12.62 -0.48 13.76
N GLY A 69 12.49 -1.29 12.71
CA GLY A 69 11.46 -1.11 11.63
C GLY A 69 11.79 -0.11 10.51
N PHE A 70 13.02 0.40 10.53
CA PHE A 70 13.44 1.52 9.72
C PHE A 70 14.72 1.21 9.03
N ASP A 71 14.69 1.53 7.76
CA ASP A 71 15.81 1.32 6.94
C ASP A 71 16.66 2.56 7.13
N ILE A 72 17.81 2.40 7.79
CA ILE A 72 18.69 3.53 8.17
C ILE A 72 19.56 3.93 6.97
N ILE A 73 19.62 5.23 6.66
CA ILE A 73 20.35 5.74 5.52
C ILE A 73 21.37 6.75 6.02
N GLU A 74 22.63 6.47 5.77
CA GLU A 74 23.69 7.42 6.11
C GLU A 74 23.59 8.52 5.07
N SER A 75 23.45 9.75 5.51
CA SER A 75 23.22 10.84 4.57
C SER A 75 23.54 12.19 5.19
N LYS A 76 24.17 13.04 4.40
CA LYS A 76 24.43 14.41 4.78
C LYS A 76 23.53 15.38 4.02
N ASP A 77 22.80 14.92 3.00
CA ASP A 77 21.64 15.69 2.42
C ASP A 77 20.39 14.85 2.31
N PRO A 78 19.60 14.86 3.39
CA PRO A 78 18.57 13.86 3.42
C PRO A 78 17.48 14.06 2.35
N LEU A 79 17.16 15.32 2.00
CA LEU A 79 16.12 15.57 0.99
C LEU A 79 16.61 15.09 -0.41
N LYS A 80 17.89 15.29 -0.69
CA LYS A 80 18.53 14.74 -1.91
C LYS A 80 18.41 13.25 -1.90
N ASP A 81 18.68 12.60 -0.78
CA ASP A 81 18.56 11.15 -0.76
C ASP A 81 17.12 10.66 -0.89
N ILE A 82 16.14 11.37 -0.32
CA ILE A 82 14.72 10.96 -0.42
C ILE A 82 14.21 10.97 -1.89
N VAL A 83 14.67 11.97 -2.65
CA VAL A 83 14.37 12.16 -4.07
C VAL A 83 14.67 10.88 -4.90
N LYS A 84 15.79 10.23 -4.66
CA LYS A 84 16.03 8.97 -5.33
C LYS A 84 14.91 7.94 -5.11
N PHE A 85 14.49 7.80 -3.86
CA PHE A 85 13.44 6.90 -3.51
C PHE A 85 12.15 7.21 -4.22
N VAL A 86 11.80 8.49 -4.21
CA VAL A 86 10.56 8.92 -4.83
C VAL A 86 10.49 8.58 -6.33
N GLU A 87 11.57 8.85 -7.02
CA GLU A 87 11.78 8.40 -8.35
C GLU A 87 11.80 6.92 -8.58
N VAL A 88 12.63 6.20 -7.83
CA VAL A 88 12.68 4.78 -8.05
C VAL A 88 11.28 4.19 -7.84
N ASP A 89 10.63 4.55 -6.74
CA ASP A 89 9.29 4.04 -6.40
C ASP A 89 8.16 4.73 -7.14
N LYS A 90 8.47 5.73 -7.92
CA LYS A 90 7.49 6.34 -8.78
C LYS A 90 6.34 6.99 -7.95
N LEU A 91 6.65 7.70 -6.88
CA LEU A 91 5.60 8.18 -5.98
C LEU A 91 5.14 9.54 -6.53
N GLU A 92 3.92 9.96 -6.24
CA GLU A 92 3.46 11.24 -6.75
C GLU A 92 3.20 12.35 -5.70
N THR A 93 2.55 12.01 -4.62
CA THR A 93 2.11 12.95 -3.64
C THR A 93 2.87 12.72 -2.32
N ILE A 94 3.67 13.73 -2.00
CA ILE A 94 4.51 13.77 -0.81
C ILE A 94 3.83 14.74 0.18
N GLY A 95 3.41 14.21 1.32
CA GLY A 95 2.88 15.03 2.37
C GLY A 95 4.00 15.69 3.15
N PHE A 96 3.74 16.87 3.69
CA PHE A 96 4.70 17.49 4.65
C PHE A 96 3.90 18.24 5.70
N ASP A 97 4.49 18.51 6.85
CA ASP A 97 3.84 19.21 7.92
C ASP A 97 3.77 20.73 7.70
N ASN A 98 2.57 21.26 7.85
CA ASN A 98 2.30 22.64 7.46
C ASN A 98 2.83 23.66 8.44
N GLN A 99 3.42 23.18 9.53
CA GLN A 99 4.12 24.02 10.44
C GLN A 99 5.59 24.18 10.00
N VAL A 100 6.04 23.55 8.92
CA VAL A 100 7.32 24.05 8.39
C VAL A 100 7.23 25.55 7.99
N SER A 101 8.39 26.21 7.93
CA SER A 101 8.48 27.57 7.52
C SER A 101 8.26 27.58 5.99
N PHE A 102 7.85 28.76 5.51
CA PHE A 102 7.63 28.95 4.11
C PHE A 102 8.97 28.86 3.35
N ALA A 103 10.04 29.38 3.93
CA ALA A 103 11.39 29.18 3.34
C ALA A 103 11.71 27.66 3.15
N TYR A 104 11.43 26.86 4.17
CA TYR A 104 11.66 25.44 4.06
C TYR A 104 10.77 24.84 2.98
N TYR A 105 9.50 25.22 2.93
CA TYR A 105 8.66 24.77 1.79
C TYR A 105 9.27 25.17 0.46
N GLN A 106 9.86 26.35 0.33
CA GLN A 106 10.51 26.76 -0.94
C GLN A 106 11.63 25.80 -1.27
N ALA A 107 12.45 25.38 -0.30
CA ALA A 107 13.45 24.30 -0.57
C ALA A 107 12.83 23.00 -1.06
N LEU A 108 11.70 22.55 -0.49
CA LEU A 108 10.99 21.36 -0.98
C LEU A 108 10.46 21.53 -2.39
N GLN A 109 9.95 22.72 -2.70
CA GLN A 109 9.46 22.93 -4.07
C GLN A 109 10.60 22.78 -5.08
N ALA A 110 11.81 23.21 -4.73
CA ALA A 110 12.93 23.06 -5.65
C ALA A 110 13.33 21.57 -5.73
N ILE A 111 13.57 20.93 -4.59
CA ILE A 111 14.05 19.58 -4.61
C ILE A 111 13.06 18.63 -5.23
N PHE A 112 11.78 18.86 -5.03
CA PHE A 112 10.76 17.94 -5.45
C PHE A 112 9.99 18.50 -6.61
N GLU A 113 10.61 19.33 -7.39
CA GLU A 113 9.93 19.93 -8.56
C GLU A 113 9.39 18.80 -9.43
N GLY A 114 8.14 18.90 -9.85
CA GLY A 114 7.51 17.85 -10.65
C GLY A 114 6.66 16.86 -9.88
N TYR A 115 6.73 16.88 -8.55
CA TYR A 115 5.86 16.09 -7.70
C TYR A 115 4.83 16.97 -6.99
N THR A 116 3.82 16.38 -6.40
CA THR A 116 2.78 17.14 -5.74
C THR A 116 3.16 17.13 -4.25
N LEU A 117 3.40 18.31 -3.70
CA LEU A 117 3.59 18.51 -2.26
C LEU A 117 2.23 18.80 -1.63
N SER A 118 1.92 18.08 -0.57
CA SER A 118 0.60 18.13 0.03
C SER A 118 0.70 18.54 1.52
N PRO A 119 0.31 19.76 1.85
CA PRO A 119 0.46 20.17 3.23
C PRO A 119 -0.50 19.42 4.15
N GLN A 120 -0.04 19.03 5.31
CA GLN A 120 -0.84 18.27 6.26
C GLN A 120 -1.05 19.03 7.57
N THR A 121 -2.26 19.00 8.12
CA THR A 121 -2.54 19.56 9.43
C THR A 121 -2.58 18.50 10.52
N ASN A 122 -1.69 18.61 11.49
CA ASN A 122 -1.67 17.71 12.63
C ASN A 122 -1.69 16.21 12.31
N PHE A 123 -1.10 15.77 11.22
CA PHE A 123 -1.15 14.34 10.86
C PHE A 123 -0.58 13.49 11.99
N MET A 124 0.59 13.91 12.48
CA MET A 124 1.30 13.23 13.57
C MET A 124 0.63 13.30 14.91
N GLU A 125 -0.29 14.25 15.06
CA GLU A 125 -0.95 14.56 16.33
C GLU A 125 -1.78 13.41 16.88
N GLU A 126 -2.57 12.78 16.03
CA GLU A 126 -3.35 11.57 16.43
C GLU A 126 -2.43 10.44 16.73
N LEU A 127 -1.49 10.22 15.84
CA LEU A 127 -0.55 9.14 16.06
C LEU A 127 0.11 9.35 17.44
N ARG A 128 0.51 10.57 17.76
CA ARG A 128 1.13 10.86 19.05
C ARG A 128 0.16 10.68 20.24
N MET A 129 -1.15 10.58 20.00
CA MET A 129 -2.10 10.33 21.09
C MET A 129 -2.28 8.82 21.36
N ASN B 2 2.34 -12.47 10.19
CA ASN B 2 1.05 -13.04 10.71
C ASN B 2 -0.20 -12.19 10.59
N ALA B 3 -0.09 -10.86 10.60
CA ALA B 3 -1.25 -9.97 10.50
C ALA B 3 -1.87 -10.12 9.11
N MET B 4 -1.03 -10.12 8.07
CA MET B 4 -1.44 -10.42 6.69
C MET B 4 -2.11 -11.80 6.54
N GLN B 5 -1.50 -12.85 7.10
CA GLN B 5 -2.08 -14.18 7.02
C GLN B 5 -3.47 -14.26 7.69
N ARG B 6 -3.64 -13.56 8.79
CA ARG B 6 -4.96 -13.52 9.50
C ARG B 6 -5.99 -12.80 8.65
N ARG B 7 -5.59 -11.72 7.99
CA ARG B 7 -6.54 -11.15 7.00
C ARG B 7 -6.97 -12.14 5.93
N LEU B 8 -6.03 -12.89 5.38
CA LEU B 8 -6.37 -13.78 4.28
C LEU B 8 -7.32 -14.90 4.76
N GLU B 9 -7.08 -15.38 5.95
CA GLU B 9 -7.93 -16.42 6.50
C GLU B 9 -9.37 -15.91 6.80
N ARG B 10 -9.49 -14.71 7.33
CA ARG B 10 -10.81 -14.00 7.47
C ARG B 10 -11.44 -13.87 6.06
N PHE B 11 -10.63 -13.43 5.08
CA PHE B 11 -11.22 -13.36 3.75
C PHE B 11 -11.71 -14.74 3.35
N ASP B 12 -10.94 -15.78 3.67
CA ASP B 12 -11.23 -17.08 3.10
C ASP B 12 -12.55 -17.55 3.77
N ALA B 13 -12.67 -17.30 5.08
CA ALA B 13 -13.93 -17.69 5.80
C ALA B 13 -15.17 -16.88 5.30
N LYS B 14 -15.04 -15.56 5.14
CA LYS B 14 -16.09 -14.80 4.57
C LYS B 14 -16.53 -15.31 3.17
N LEU B 15 -15.60 -15.82 2.35
CA LEU B 15 -15.96 -16.26 1.01
C LEU B 15 -16.77 -17.53 1.10
N VAL B 16 -16.36 -18.39 2.02
CA VAL B 16 -17.11 -19.64 2.21
C VAL B 16 -18.55 -19.30 2.57
N GLN B 17 -18.69 -18.52 3.60
CA GLN B 17 -19.97 -18.02 4.09
C GLN B 17 -20.84 -17.32 3.05
N SER B 18 -20.21 -16.58 2.12
CA SER B 18 -20.92 -15.69 1.17
C SER B 18 -21.73 -16.46 0.12
N GLY B 19 -21.49 -17.76 -0.02
CA GLY B 19 -22.03 -18.47 -1.21
C GLY B 19 -21.30 -18.31 -2.54
N LEU B 20 -20.42 -17.30 -2.64
CA LEU B 20 -19.69 -17.11 -3.89
C LEU B 20 -18.63 -18.22 -4.10
N ASP B 21 -18.36 -18.56 -5.34
CA ASP B 21 -17.22 -19.39 -5.65
C ASP B 21 -15.91 -18.61 -5.82
N ALA B 22 -15.96 -17.30 -6.09
CA ALA B 22 -14.80 -16.49 -6.27
C ALA B 22 -15.23 -15.04 -6.13
N LEU B 23 -14.25 -14.17 -5.93
CA LEU B 23 -14.40 -12.75 -5.89
C LEU B 23 -13.27 -12.12 -6.66
N LEU B 24 -13.68 -11.23 -7.57
CA LEU B 24 -12.83 -10.37 -8.30
C LEU B 24 -12.69 -9.05 -7.50
N VAL B 25 -11.46 -8.76 -7.07
CA VAL B 25 -11.07 -7.58 -6.28
C VAL B 25 -10.22 -6.64 -7.14
N THR B 26 -10.79 -5.52 -7.49
CA THR B 26 -10.27 -4.57 -8.43
C THR B 26 -9.97 -3.25 -7.74
N GLY B 27 -10.55 -2.96 -6.59
CA GLY B 27 -10.36 -1.62 -5.93
C GLY B 27 -8.93 -1.50 -5.38
N GLN B 28 -8.21 -0.42 -5.73
CA GLN B 28 -6.81 -0.21 -5.22
C GLN B 28 -6.62 -0.45 -3.70
N ASN B 29 -7.58 0.06 -2.95
CA ASN B 29 -7.53 -0.02 -1.54
C ASN B 29 -7.86 -1.42 -1.12
N ASN B 30 -8.83 -2.02 -1.80
CA ASN B 30 -9.16 -3.38 -1.44
C ASN B 30 -7.93 -4.29 -1.67
N ILE B 31 -7.21 -4.07 -2.75
CA ILE B 31 -6.09 -4.90 -3.10
C ILE B 31 -4.94 -4.71 -2.07
N TYR B 32 -4.70 -3.43 -1.69
CA TYR B 32 -3.69 -3.05 -0.73
C TYR B 32 -4.01 -3.71 0.59
N TYR B 33 -5.27 -3.72 0.98
CA TYR B 33 -5.63 -4.37 2.21
C TYR B 33 -5.28 -5.87 2.23
N LEU B 34 -5.51 -6.58 1.11
CA LEU B 34 -5.18 -8.01 1.07
C LEU B 34 -3.68 -8.32 0.76
N THR B 35 -2.99 -7.42 0.07
CA THR B 35 -1.71 -7.74 -0.48
C THR B 35 -0.57 -6.93 0.04
N ASP B 36 -0.88 -5.78 0.62
CA ASP B 36 0.09 -4.79 0.95
C ASP B 36 0.85 -4.20 -0.21
N PHE B 37 0.29 -4.28 -1.40
CA PHE B 37 0.83 -3.66 -2.59
C PHE B 37 -0.07 -2.58 -3.01
N TRP B 38 0.52 -1.42 -3.30
CA TRP B 38 -0.24 -0.26 -3.66
C TRP B 38 -0.04 0.12 -5.11
N GLY B 39 -1.13 0.21 -5.87
CA GLY B 39 -0.96 0.38 -7.30
C GLY B 39 -2.29 0.44 -7.98
N THR B 40 -2.22 0.76 -9.27
CA THR B 40 -3.42 0.80 -10.11
C THR B 40 -3.28 -0.19 -11.30
N ASN B 41 -2.27 -1.03 -11.27
CA ASN B 41 -2.14 -2.00 -12.32
C ASN B 41 -2.65 -3.42 -11.99
N ALA B 42 -2.80 -3.82 -10.75
CA ALA B 42 -3.10 -5.20 -10.47
C ALA B 42 -4.62 -5.51 -10.37
N THR B 43 -4.93 -6.78 -10.52
CA THR B 43 -6.22 -7.35 -10.29
C THR B 43 -6.01 -8.57 -9.41
N VAL B 44 -6.93 -8.79 -8.45
CA VAL B 44 -6.91 -9.90 -7.56
C VAL B 44 -8.11 -10.77 -7.81
N PHE B 45 -7.93 -12.08 -7.71
CA PHE B 45 -8.97 -13.03 -7.98
C PHE B 45 -8.81 -14.17 -7.01
N ILE B 46 -9.78 -14.33 -6.10
CA ILE B 46 -9.68 -15.29 -5.07
C ILE B 46 -10.84 -16.30 -5.16
N THR B 47 -10.45 -17.58 -5.12
CA THR B 47 -11.37 -18.73 -5.14
C THR B 47 -11.16 -19.47 -3.82
N LYS B 48 -11.87 -20.55 -3.67
CA LYS B 48 -11.69 -21.41 -2.49
C LYS B 48 -10.42 -22.26 -2.57
N ASN B 49 -9.85 -22.44 -3.75
CA ASN B 49 -8.61 -23.17 -3.96
C ASN B 49 -7.31 -22.37 -4.10
N ARG B 50 -7.40 -21.05 -4.41
CA ARG B 50 -6.22 -20.28 -4.75
C ARG B 50 -6.43 -18.75 -4.63
N ARG B 51 -5.33 -18.01 -4.58
CA ARG B 51 -5.34 -16.58 -4.55
C ARG B 51 -4.37 -16.11 -5.60
N LEU B 52 -4.91 -15.43 -6.63
CA LEU B 52 -4.18 -14.87 -7.74
C LEU B 52 -4.03 -13.33 -7.67
N PHE B 53 -2.82 -12.86 -7.95
CA PHE B 53 -2.51 -11.48 -8.07
C PHE B 53 -1.99 -11.34 -9.46
N LEU B 54 -2.79 -10.74 -10.29
CA LEU B 54 -2.45 -10.53 -11.70
C LEU B 54 -1.98 -9.13 -12.01
N THR B 55 -0.90 -9.00 -12.81
CA THR B 55 -0.31 -7.72 -13.07
C THR B 55 0.71 -7.81 -14.17
N ASP B 56 1.02 -6.64 -14.73
CA ASP B 56 1.88 -6.48 -15.89
C ASP B 56 3.22 -7.12 -15.59
N SER B 57 3.82 -7.69 -16.63
CA SER B 57 5.17 -8.35 -16.53
C SER B 57 6.17 -7.45 -15.84
N ARG B 58 6.12 -6.15 -16.03
CA ARG B 58 7.10 -5.38 -15.36
C ARG B 58 6.92 -5.16 -13.84
N TYR B 59 5.78 -5.44 -13.19
CA TYR B 59 5.66 -5.40 -11.74
C TYR B 59 5.79 -6.74 -11.04
N THR B 60 5.99 -7.75 -11.84
CA THR B 60 5.91 -9.12 -11.45
C THR B 60 7.06 -9.51 -10.49
N LEU B 61 8.26 -8.94 -10.70
CA LEU B 61 9.41 -9.31 -9.88
C LEU B 61 9.25 -8.73 -8.51
N ILE B 62 8.94 -7.47 -8.41
CA ILE B 62 8.69 -6.85 -7.13
C ILE B 62 7.46 -7.49 -6.35
N ALA B 63 6.36 -7.81 -7.06
CA ALA B 63 5.21 -8.46 -6.42
C ALA B 63 5.58 -9.83 -5.83
N LYS B 64 6.38 -10.60 -6.56
CA LYS B 64 6.82 -11.89 -6.09
C LYS B 64 7.53 -11.72 -4.71
N GLN B 65 8.23 -10.61 -4.50
CA GLN B 65 8.97 -10.51 -3.25
C GLN B 65 8.14 -9.93 -2.15
N SER B 66 7.16 -9.13 -2.48
CA SER B 66 6.51 -8.43 -1.44
C SER B 66 5.10 -8.89 -1.10
N VAL B 67 4.45 -9.74 -1.89
CA VAL B 67 3.06 -10.11 -1.66
C VAL B 67 2.92 -11.49 -1.01
N HIS B 68 2.46 -11.58 0.24
CA HIS B 68 2.38 -12.85 0.92
C HIS B 68 1.04 -13.55 0.53
N GLY B 69 1.06 -14.84 0.24
CA GLY B 69 -0.10 -15.69 0.14
C GLY B 69 -0.80 -15.79 -1.20
N PHE B 70 -0.20 -15.27 -2.29
CA PHE B 70 -0.82 -15.26 -3.64
C PHE B 70 0.13 -15.87 -4.69
N ASP B 71 -0.42 -16.47 -5.75
CA ASP B 71 0.32 -16.79 -6.93
C ASP B 71 0.33 -15.49 -7.74
N ILE B 72 1.52 -15.06 -8.13
CA ILE B 72 1.65 -13.87 -8.96
C ILE B 72 1.56 -14.31 -10.42
N ILE B 73 0.67 -13.71 -11.22
CA ILE B 73 0.47 -14.14 -12.57
C ILE B 73 0.73 -12.94 -13.48
N GLU B 74 1.65 -13.11 -14.46
CA GLU B 74 1.91 -12.09 -15.38
C GLU B 74 0.72 -12.03 -16.33
N SER B 75 0.12 -10.86 -16.52
CA SER B 75 -0.95 -10.80 -17.49
C SER B 75 -0.98 -9.48 -18.19
N LYS B 76 -1.34 -9.48 -19.47
CA LYS B 76 -1.68 -8.22 -20.12
C LYS B 76 -3.17 -7.98 -20.06
N ASP B 77 -3.96 -9.01 -19.80
CA ASP B 77 -5.40 -8.88 -19.77
C ASP B 77 -6.01 -9.80 -18.74
N PRO B 78 -6.11 -9.33 -17.51
CA PRO B 78 -6.45 -10.19 -16.40
C PRO B 78 -7.74 -11.01 -16.59
N LEU B 79 -8.75 -10.42 -17.19
CA LEU B 79 -10.03 -11.09 -17.27
C LEU B 79 -9.91 -12.35 -18.12
N LYS B 80 -9.20 -12.21 -19.25
CA LYS B 80 -9.01 -13.31 -20.18
C LYS B 80 -8.06 -14.34 -19.58
N ASP B 81 -7.05 -13.89 -18.81
CA ASP B 81 -6.17 -14.85 -18.12
C ASP B 81 -6.82 -15.61 -17.00
N ILE B 82 -7.90 -15.10 -16.41
CA ILE B 82 -8.58 -15.70 -15.28
C ILE B 82 -9.58 -16.78 -15.74
N VAL B 83 -9.99 -16.68 -17.00
CA VAL B 83 -10.96 -17.59 -17.58
C VAL B 83 -10.51 -19.02 -17.32
N LYS B 84 -9.26 -19.34 -17.65
CA LYS B 84 -8.76 -20.70 -17.48
C LYS B 84 -8.89 -21.24 -16.06
N PHE B 85 -8.67 -20.36 -15.09
CA PHE B 85 -8.79 -20.70 -13.66
C PHE B 85 -10.24 -20.97 -13.34
N VAL B 86 -11.12 -20.19 -13.95
CA VAL B 86 -12.55 -20.36 -13.81
C VAL B 86 -13.02 -21.68 -14.33
N GLU B 87 -12.51 -22.06 -15.49
CA GLU B 87 -12.85 -23.34 -16.14
C GLU B 87 -12.31 -24.56 -15.43
N VAL B 88 -11.07 -24.54 -15.05
CA VAL B 88 -10.41 -25.66 -14.45
C VAL B 88 -10.96 -25.92 -13.03
N ASP B 89 -11.15 -24.87 -12.25
CA ASP B 89 -11.83 -24.97 -10.99
C ASP B 89 -13.33 -25.15 -11.10
N LYS B 90 -13.96 -25.12 -12.26
CA LYS B 90 -15.42 -25.37 -12.34
C LYS B 90 -16.27 -24.43 -11.50
N LEU B 91 -15.99 -23.13 -11.56
CA LEU B 91 -16.72 -22.16 -10.80
C LEU B 91 -18.01 -21.86 -11.51
N GLU B 92 -19.00 -21.42 -10.75
CA GLU B 92 -20.26 -20.94 -11.33
C GLU B 92 -20.54 -19.48 -10.99
N THR B 93 -20.31 -19.09 -9.75
CA THR B 93 -20.68 -17.78 -9.23
C THR B 93 -19.47 -16.89 -8.88
N ILE B 94 -19.30 -15.78 -9.62
CA ILE B 94 -18.23 -14.83 -9.45
C ILE B 94 -18.76 -13.46 -8.97
N GLY B 95 -18.33 -13.07 -7.79
CA GLY B 95 -18.62 -11.75 -7.26
C GLY B 95 -17.68 -10.70 -7.82
N PHE B 96 -18.20 -9.46 -7.92
CA PHE B 96 -17.37 -8.34 -8.32
C PHE B 96 -17.85 -7.08 -7.61
N ASP B 97 -17.02 -6.04 -7.60
CA ASP B 97 -17.36 -4.82 -6.86
C ASP B 97 -18.38 -3.97 -7.66
N ASN B 98 -19.54 -3.62 -7.08
CA ASN B 98 -20.53 -2.81 -7.75
C ASN B 98 -20.04 -1.40 -8.10
N GLN B 99 -18.85 -1.05 -7.65
CA GLN B 99 -18.23 0.18 -8.01
C GLN B 99 -17.39 0.08 -9.26
N VAL B 100 -17.29 -1.05 -9.90
CA VAL B 100 -16.62 -1.10 -11.22
C VAL B 100 -17.48 -0.31 -12.19
N SER B 101 -16.85 0.18 -13.26
CA SER B 101 -17.54 0.90 -14.29
C SER B 101 -18.52 -0.06 -15.04
N PHE B 102 -19.56 0.51 -15.59
CA PHE B 102 -20.38 -0.28 -16.48
C PHE B 102 -19.61 -0.92 -17.62
N ALA B 103 -18.65 -0.17 -18.20
CA ALA B 103 -17.78 -0.69 -19.31
C ALA B 103 -17.10 -1.98 -18.85
N TYR B 104 -16.59 -1.96 -17.64
CA TYR B 104 -15.87 -3.08 -17.14
C TYR B 104 -16.79 -4.27 -16.95
N TYR B 105 -17.99 -4.01 -16.40
CA TYR B 105 -18.97 -5.04 -16.30
C TYR B 105 -19.42 -5.59 -17.65
N GLN B 106 -19.50 -4.77 -18.68
CA GLN B 106 -19.69 -5.32 -20.03
C GLN B 106 -18.54 -6.22 -20.43
N ALA B 107 -17.30 -5.90 -20.07
CA ALA B 107 -16.19 -6.86 -20.37
C ALA B 107 -16.40 -8.18 -19.62
N LEU B 108 -16.79 -8.09 -18.36
CA LEU B 108 -17.06 -9.29 -17.63
C LEU B 108 -18.20 -10.10 -18.23
N GLN B 109 -19.28 -9.43 -18.61
CA GLN B 109 -20.40 -10.16 -19.20
C GLN B 109 -19.97 -10.94 -20.45
N ALA B 110 -19.23 -10.26 -21.34
CA ALA B 110 -18.75 -10.87 -22.55
C ALA B 110 -17.84 -12.06 -22.16
N ILE B 111 -16.77 -11.78 -21.43
CA ILE B 111 -15.81 -12.83 -21.11
C ILE B 111 -16.41 -13.94 -20.26
N PHE B 112 -17.29 -13.67 -19.30
CA PHE B 112 -17.88 -14.75 -18.49
C PHE B 112 -19.30 -15.06 -18.84
N GLU B 113 -19.60 -14.96 -20.12
CA GLU B 113 -20.91 -15.33 -20.57
C GLU B 113 -21.23 -16.74 -20.13
N GLY B 114 -22.40 -16.95 -19.56
CA GLY B 114 -22.75 -18.25 -19.03
C GLY B 114 -22.57 -18.43 -17.53
N TYR B 115 -21.71 -17.67 -16.87
CA TYR B 115 -21.51 -17.77 -15.42
C TYR B 115 -22.45 -16.82 -14.73
N THR B 116 -22.68 -16.98 -13.44
CA THR B 116 -23.44 -16.00 -12.68
C THR B 116 -22.55 -14.94 -12.08
N LEU B 117 -22.77 -13.71 -12.45
CA LEU B 117 -21.99 -12.60 -11.99
C LEU B 117 -22.75 -11.90 -10.89
N SER B 118 -22.17 -11.81 -9.71
CA SER B 118 -22.92 -11.25 -8.59
C SER B 118 -22.33 -9.96 -7.98
N PRO B 119 -22.97 -8.78 -8.20
CA PRO B 119 -22.37 -7.58 -7.70
C PRO B 119 -22.35 -7.49 -6.17
N GLN B 120 -21.27 -6.95 -5.61
CA GLN B 120 -21.10 -6.93 -4.20
C GLN B 120 -21.15 -5.50 -3.77
N THR B 121 -21.81 -5.29 -2.65
CA THR B 121 -21.83 -4.04 -2.00
C THR B 121 -20.95 -3.90 -0.72
N ASN B 122 -20.90 -4.88 0.15
CA ASN B 122 -20.21 -4.62 1.43
C ASN B 122 -19.21 -5.70 1.87
N PHE B 123 -18.84 -6.61 0.97
CA PHE B 123 -18.01 -7.80 1.37
C PHE B 123 -16.68 -7.22 1.92
N MET B 124 -16.03 -6.37 1.13
CA MET B 124 -14.73 -5.85 1.52
C MET B 124 -14.88 -4.89 2.67
N GLU B 125 -15.90 -4.04 2.65
CA GLU B 125 -16.06 -3.08 3.78
C GLU B 125 -16.34 -3.81 5.11
N GLU B 126 -17.15 -4.84 5.12
CA GLU B 126 -17.34 -5.66 6.32
C GLU B 126 -16.13 -6.45 6.80
N LEU B 127 -15.28 -6.86 5.84
CA LEU B 127 -14.02 -7.55 6.18
C LEU B 127 -13.11 -6.56 6.90
N ARG B 128 -13.05 -5.34 6.39
CA ARG B 128 -12.34 -4.25 7.09
C ARG B 128 -12.87 -3.85 8.49
N MET B 129 -14.12 -4.14 8.88
CA MET B 129 -14.74 -3.52 10.12
C MET B 129 -14.68 -4.45 11.36
C1 GOL C . 3.75 -1.20 6.02
C1 GOL C . 1.80 -0.55 4.74
O1 GOL C . 5.11 -0.66 5.91
O1 GOL C . 1.51 -1.76 5.34
C2 GOL C . 3.34 -1.05 4.58
C2 GOL C . 3.01 -0.87 4.03
O2 GOL C . 2.07 -1.05 4.15
O2 GOL C . 2.46 -1.83 3.25
C3 GOL C . 4.16 -2.00 3.70
C3 GOL C . 3.94 -1.57 5.00
O3 GOL C . 4.81 -2.83 4.59
O3 GOL C . 4.74 -2.53 4.35
C1 GOL D . -23.96 -22.78 -18.28
O1 GOL D . -24.09 -21.53 -18.89
C2 GOL D . -23.70 -22.46 -16.83
O2 GOL D . -24.44 -21.28 -16.62
C3 GOL D . -22.19 -22.36 -16.47
O3 GOL D . -21.28 -22.75 -17.51
#